data_2R3Z
#
_entry.id   2R3Z
#
_cell.length_a   109.957
_cell.length_b   71.530
_cell.length_c   39.577
_cell.angle_alpha   90.00
_cell.angle_beta   111.08
_cell.angle_gamma   90.00
#
_symmetry.space_group_name_H-M   'C 1 2 1'
#
loop_
_entity.id
_entity.type
_entity.pdbx_description
1 polymer 'Small-inducible cytokine B10'
2 water water
#
_entity_poly.entity_id   1
_entity_poly.type   'polypeptide(L)'
_entity_poly.pdbx_seq_one_letter_code
;IPLARTVRCNCIHIDDGPVRMRAIGKLEIIPASLSCPRVEIIATMKKNDEQRCLNPESKTIKNLMKAF
;
_entity_poly.pdbx_strand_id   A,B,C,D
#
# COMPACT_ATOMS: atom_id res chain seq x y z
N ILE A 1 -7.85 -7.85 -8.98
CA ILE A 1 -7.58 -9.11 -8.22
C ILE A 1 -8.70 -10.11 -8.48
N PRO A 2 -8.36 -11.22 -9.20
CA PRO A 2 -9.38 -12.26 -9.48
C PRO A 2 -9.22 -13.27 -8.32
N LEU A 3 -8.07 -13.17 -7.65
CA LEU A 3 -7.72 -14.05 -6.54
C LEU A 3 -6.37 -13.62 -5.98
N ALA A 4 -5.82 -14.49 -5.15
CA ALA A 4 -4.55 -14.22 -4.50
C ALA A 4 -3.39 -14.72 -5.36
N ARG A 5 -2.45 -13.81 -5.64
CA ARG A 5 -1.27 -14.17 -6.41
C ARG A 5 -0.04 -14.22 -5.51
N THR A 6 0.81 -15.23 -5.71
CA THR A 6 2.04 -15.31 -4.93
C THR A 6 2.97 -14.21 -5.45
N VAL A 7 3.46 -13.42 -4.51
CA VAL A 7 4.29 -12.29 -4.85
C VAL A 7 5.48 -12.14 -3.93
N ARG A 8 6.56 -11.58 -4.46
CA ARG A 8 7.77 -11.32 -3.68
C ARG A 8 8.22 -9.87 -3.88
N CYS A 9 7.96 -9.05 -2.87
CA CYS A 9 8.32 -7.62 -2.89
C CYS A 9 9.12 -7.19 -1.66
N ASN A 10 9.80 -6.06 -1.79
CA ASN A 10 10.58 -5.47 -0.72
C ASN A 10 9.68 -4.87 0.34
N CYS A 11 8.62 -4.21 -0.13
CA CYS A 11 7.64 -3.52 0.69
C CYS A 11 6.42 -4.37 1.03
N ILE A 12 6.15 -4.53 2.32
CA ILE A 12 4.98 -5.27 2.78
C ILE A 12 3.95 -4.26 3.30
N HIS A 13 4.43 -3.32 4.09
CA HIS A 13 3.58 -2.26 4.62
C HIS A 13 3.92 -0.97 3.91
N ILE A 14 2.90 -0.29 3.40
CA ILE A 14 3.06 0.98 2.71
C ILE A 14 2.75 2.13 3.65
N ASP A 15 3.77 2.90 4.02
CA ASP A 15 3.57 4.06 4.90
C ASP A 15 2.86 5.11 4.07
N ASP A 16 1.55 5.17 4.14
CA ASP A 16 0.85 6.18 3.36
C ASP A 16 0.83 7.51 4.13
N GLY A 17 1.78 7.69 5.04
CA GLY A 17 1.91 8.94 5.78
C GLY A 17 2.37 10.04 4.85
N PRO A 18 2.59 11.25 5.37
CA PRO A 18 2.96 12.40 4.52
C PRO A 18 4.47 12.68 4.49
N VAL A 19 4.89 13.59 3.61
CA VAL A 19 6.28 14.06 3.58
C VAL A 19 6.52 15.14 2.53
N ARG A 20 7.77 15.57 2.37
CA ARG A 20 8.19 16.30 1.18
C ARG A 20 9.71 16.43 1.15
N MET A 21 10.26 16.89 0.03
CA MET A 21 11.69 16.89 -0.17
C MET A 21 12.34 18.10 0.49
N ARG A 22 12.16 18.22 1.80
CA ARG A 22 13.29 18.38 2.71
C ARG A 22 13.56 17.09 3.49
N ALA A 23 14.82 16.88 3.84
CA ALA A 23 15.31 15.55 4.18
C ALA A 23 15.14 14.58 3.01
N ILE A 24 14.64 13.38 3.31
CA ILE A 24 14.66 12.30 2.33
C ILE A 24 16.03 12.16 1.67
N GLY A 25 16.96 11.53 2.38
CA GLY A 25 18.28 11.30 1.84
C GLY A 25 18.26 10.67 0.46
N LYS A 26 17.37 9.69 0.27
CA LYS A 26 17.29 8.96 -0.99
C LYS A 26 15.92 8.36 -1.27
N LEU A 27 15.63 8.17 -2.55
CA LEU A 27 14.36 7.61 -2.95
C LEU A 27 14.59 6.53 -3.99
N GLU A 28 14.28 5.29 -3.65
CA GLU A 28 14.44 4.21 -4.59
C GLU A 28 13.11 3.90 -5.29
N ILE A 29 13.20 3.69 -6.60
CA ILE A 29 12.05 3.36 -7.42
C ILE A 29 12.36 2.05 -8.14
N ILE A 30 11.59 1.01 -7.87
CA ILE A 30 11.79 -0.28 -8.52
C ILE A 30 10.62 -0.56 -9.43
N PRO A 31 10.85 -0.55 -10.75
CA PRO A 31 9.76 -0.81 -11.71
C PRO A 31 9.03 -2.11 -11.40
N ALA A 32 7.83 -2.26 -11.94
CA ALA A 32 7.05 -3.46 -11.73
C ALA A 32 7.80 -4.63 -12.35
N SER A 33 7.84 -5.75 -11.64
CA SER A 33 8.54 -6.92 -12.16
C SER A 33 7.62 -8.13 -12.17
N LEU A 34 8.16 -9.23 -12.67
CA LEU A 34 7.42 -10.47 -12.71
C LEU A 34 7.18 -10.92 -11.29
N SER A 35 8.13 -10.58 -10.43
CA SER A 35 8.08 -10.95 -9.03
C SER A 35 7.16 -10.03 -8.21
N CYS A 36 7.22 -8.73 -8.49
CA CYS A 36 6.29 -7.78 -7.92
C CYS A 36 5.64 -6.91 -9.00
N PRO A 37 4.38 -7.19 -9.29
CA PRO A 37 3.68 -6.54 -10.41
C PRO A 37 3.18 -5.15 -10.02
N ARG A 38 4.03 -4.38 -9.36
CA ARG A 38 3.75 -2.96 -9.15
C ARG A 38 4.98 -2.24 -8.58
N VAL A 39 5.21 -1.02 -9.04
CA VAL A 39 6.41 -0.28 -8.70
C VAL A 39 6.43 -0.05 -7.21
N GLU A 40 7.63 -0.11 -6.65
CA GLU A 40 7.86 0.11 -5.23
C GLU A 40 8.67 1.42 -5.10
N ILE A 41 8.37 2.18 -4.06
CA ILE A 41 9.09 3.42 -3.83
C ILE A 41 9.54 3.50 -2.39
N ILE A 42 10.82 3.24 -2.18
CA ILE A 42 11.43 3.24 -0.86
C ILE A 42 12.20 4.52 -0.59
N ALA A 43 11.79 5.26 0.43
CA ALA A 43 12.49 6.47 0.77
C ALA A 43 13.35 6.25 2.02
N THR A 44 14.56 6.78 1.99
CA THR A 44 15.48 6.68 3.11
C THR A 44 15.58 8.05 3.74
N MET A 45 14.72 8.29 4.73
CA MET A 45 14.67 9.57 5.41
C MET A 45 16.05 10.11 5.81
N LYS A 46 16.28 11.38 5.47
CA LYS A 46 17.54 12.03 5.78
C LYS A 46 18.02 11.70 7.22
N LYS A 47 17.07 11.56 8.14
CA LYS A 47 17.40 11.33 9.54
C LYS A 47 17.25 9.86 9.90
N ASN A 48 18.35 9.26 10.36
CA ASN A 48 18.27 8.05 11.17
C ASN A 48 18.27 6.78 10.32
N ASP A 49 18.57 6.93 9.03
CA ASP A 49 18.68 5.79 8.12
C ASP A 49 17.32 5.13 7.84
N GLU A 50 16.32 5.47 8.66
CA GLU A 50 14.95 4.95 8.59
C GLU A 50 14.37 4.92 7.20
N GLN A 51 13.83 3.75 6.84
CA GLN A 51 13.23 3.55 5.53
C GLN A 51 11.72 3.44 5.60
N ARG A 52 11.08 4.12 4.65
CA ARG A 52 9.63 4.13 4.52
C ARG A 52 9.21 3.73 3.11
N CYS A 53 8.18 2.91 3.01
CA CYS A 53 7.67 2.52 1.70
C CYS A 53 6.51 3.43 1.33
N LEU A 54 6.62 4.13 0.20
CA LEU A 54 5.57 5.04 -0.22
C LEU A 54 4.67 4.45 -1.31
N ASN A 55 3.41 4.86 -1.28
CA ASN A 55 2.42 4.40 -2.24
C ASN A 55 2.62 5.05 -3.59
N PRO A 56 3.12 4.28 -4.56
CA PRO A 56 3.36 4.77 -5.92
C PRO A 56 2.10 5.30 -6.60
N GLU A 57 0.94 4.89 -6.10
CA GLU A 57 -0.35 5.29 -6.64
C GLU A 57 -0.86 6.59 -6.01
N SER A 58 -0.20 7.01 -4.94
CA SER A 58 -0.58 8.23 -4.20
C SER A 58 -0.32 9.49 -4.98
N LYS A 59 -1.35 10.30 -5.22
CA LYS A 59 -1.18 11.56 -5.96
C LYS A 59 0.07 12.32 -5.48
N THR A 60 0.12 12.64 -4.19
CA THR A 60 1.26 13.34 -3.63
C THR A 60 2.54 12.67 -4.07
N ILE A 61 2.59 11.36 -3.88
CA ILE A 61 3.77 10.56 -4.22
C ILE A 61 4.12 10.60 -5.71
N LYS A 62 3.11 10.60 -6.58
CA LYS A 62 3.37 10.65 -8.02
C LYS A 62 3.92 12.02 -8.36
N ASN A 63 3.49 13.03 -7.59
CA ASN A 63 3.95 14.39 -7.81
C ASN A 63 5.30 14.64 -7.16
N LEU A 64 5.50 14.05 -5.99
CA LEU A 64 6.78 14.16 -5.28
C LEU A 64 7.81 13.51 -6.21
N MET A 65 7.40 12.40 -6.83
CA MET A 65 8.24 11.63 -7.76
C MET A 65 8.53 12.41 -9.04
N LYS A 66 7.48 12.75 -9.79
CA LYS A 66 7.64 13.54 -11.01
C LYS A 66 8.08 14.93 -10.59
N ALA A 67 9.28 15.01 -10.00
CA ALA A 67 9.92 16.24 -9.52
C ALA A 67 11.41 15.90 -9.36
N PHE A 68 11.71 14.60 -9.45
CA PHE A 68 13.07 14.04 -9.35
C PHE A 68 13.81 14.58 -8.15
N ILE B 1 12.54 -5.14 8.58
CA ILE B 1 13.45 -4.53 7.57
C ILE B 1 14.60 -5.48 7.10
N PRO B 2 14.26 -6.57 6.38
CA PRO B 2 15.25 -7.54 5.85
C PRO B 2 15.36 -7.48 4.32
N LEU B 3 14.91 -8.55 3.65
CA LEU B 3 14.89 -8.60 2.19
C LEU B 3 13.46 -8.82 1.71
N ALA B 4 13.32 -9.43 0.55
CA ALA B 4 11.99 -9.69 0.02
C ALA B 4 11.41 -10.99 0.60
N ARG B 5 10.22 -10.87 1.19
CA ARG B 5 9.50 -12.01 1.73
C ARG B 5 8.40 -12.37 0.76
N THR B 6 8.34 -13.64 0.40
CA THR B 6 7.31 -14.09 -0.50
C THR B 6 6.00 -14.14 0.28
N VAL B 7 5.00 -13.51 -0.32
CA VAL B 7 3.71 -13.34 0.29
C VAL B 7 2.56 -13.68 -0.65
N ARG B 8 1.40 -13.94 -0.06
CA ARG B 8 0.21 -14.23 -0.83
C ARG B 8 -0.94 -13.42 -0.24
N CYS B 9 -1.33 -12.35 -0.93
CA CYS B 9 -2.41 -11.48 -0.47
C CYS B 9 -3.44 -11.23 -1.60
N ASN B 10 -4.63 -10.78 -1.22
CA ASN B 10 -5.71 -10.46 -2.16
C ASN B 10 -5.39 -9.16 -2.90
N CYS B 11 -4.93 -8.20 -2.11
CA CYS B 11 -4.55 -6.84 -2.51
C CYS B 11 -3.10 -6.73 -2.99
N ILE B 12 -2.88 -6.18 -4.18
CA ILE B 12 -1.52 -5.95 -4.69
C ILE B 12 -1.31 -4.45 -4.72
N HIS B 13 -2.27 -3.77 -5.33
CA HIS B 13 -2.25 -2.32 -5.39
C HIS B 13 -3.20 -1.84 -4.31
N ILE B 14 -2.84 -0.73 -3.67
CA ILE B 14 -3.61 -0.13 -2.60
C ILE B 14 -4.13 1.23 -3.04
N ASP B 15 -5.46 1.38 -3.07
CA ASP B 15 -6.11 2.63 -3.47
C ASP B 15 -5.86 3.69 -2.41
N ASP B 16 -5.64 4.92 -2.86
CA ASP B 16 -5.35 6.00 -1.95
C ASP B 16 -6.57 6.93 -1.70
N GLY B 17 -6.97 7.69 -2.72
CA GLY B 17 -8.09 8.62 -2.59
C GLY B 17 -9.13 8.10 -1.62
N PRO B 18 -9.27 8.71 -0.44
CA PRO B 18 -10.26 8.25 0.55
C PRO B 18 -11.72 8.38 0.16
N VAL B 19 -12.58 8.17 1.15
CA VAL B 19 -14.04 8.29 1.02
C VAL B 19 -14.67 8.24 2.43
N ARG B 20 -15.96 7.91 2.49
CA ARG B 20 -16.68 7.83 3.76
C ARG B 20 -17.76 6.77 3.65
N MET B 21 -18.28 6.34 4.81
CA MET B 21 -19.28 5.29 4.86
C MET B 21 -20.34 5.38 3.74
N ARG B 22 -20.80 6.60 3.46
CA ARG B 22 -21.83 6.85 2.45
C ARG B 22 -21.67 6.05 1.14
N ALA B 23 -20.48 6.14 0.52
CA ALA B 23 -20.23 5.46 -0.75
C ALA B 23 -19.92 3.95 -0.62
N ILE B 24 -19.30 3.54 0.50
CA ILE B 24 -18.93 2.14 0.69
C ILE B 24 -20.09 1.18 0.98
N GLY B 25 -20.18 0.14 0.17
CA GLY B 25 -21.21 -0.87 0.39
C GLY B 25 -20.78 -1.70 1.58
N LYS B 26 -19.83 -2.59 1.37
CA LYS B 26 -19.34 -3.41 2.45
C LYS B 26 -17.85 -3.18 2.67
N LEU B 27 -17.44 -3.32 3.91
CA LEU B 27 -16.04 -3.16 4.23
C LEU B 27 -15.52 -4.51 4.68
N GLU B 28 -14.52 -5.03 3.97
CA GLU B 28 -13.97 -6.31 4.34
C GLU B 28 -12.56 -6.18 4.91
N ILE B 29 -12.43 -6.49 6.20
CA ILE B 29 -11.15 -6.45 6.88
C ILE B 29 -10.63 -7.87 7.00
N ILE B 30 -9.37 -8.07 6.67
CA ILE B 30 -8.78 -9.41 6.78
C ILE B 30 -7.56 -9.34 7.67
N PRO B 31 -7.64 -9.93 8.88
CA PRO B 31 -6.53 -9.94 9.86
C PRO B 31 -5.24 -10.47 9.26
N ALA B 32 -4.12 -10.02 9.80
CA ALA B 32 -2.82 -10.46 9.32
C ALA B 32 -2.70 -11.97 9.47
N SER B 33 -2.14 -12.62 8.46
CA SER B 33 -1.97 -14.06 8.51
C SER B 33 -0.53 -14.43 8.20
N LEU B 34 -0.27 -15.73 8.15
CA LEU B 34 1.06 -16.22 7.85
C LEU B 34 1.37 -15.87 6.39
N SER B 35 0.37 -16.04 5.52
CA SER B 35 0.53 -15.76 4.09
C SER B 35 0.53 -14.29 3.75
N CYS B 36 -0.17 -13.50 4.53
CA CYS B 36 -0.20 -12.08 4.24
C CYS B 36 0.04 -11.36 5.56
N PRO B 37 1.32 -11.08 5.90
CA PRO B 37 1.78 -10.41 7.12
C PRO B 37 1.35 -8.94 7.22
N ARG B 38 0.07 -8.74 6.98
CA ARG B 38 -0.54 -7.44 7.06
C ARG B 38 -2.06 -7.55 6.96
N VAL B 39 -2.75 -6.55 7.50
CA VAL B 39 -4.20 -6.51 7.44
C VAL B 39 -4.64 -5.96 6.07
N GLU B 40 -5.66 -6.58 5.49
CA GLU B 40 -6.17 -6.16 4.20
C GLU B 40 -7.57 -5.59 4.38
N ILE B 41 -7.80 -4.44 3.77
CA ILE B 41 -9.09 -3.78 3.85
C ILE B 41 -9.64 -3.55 2.47
N ILE B 42 -10.69 -4.30 2.15
CA ILE B 42 -11.31 -4.23 0.84
C ILE B 42 -12.73 -3.68 0.89
N ALA B 43 -12.93 -2.53 0.27
CA ALA B 43 -14.26 -1.92 0.26
C ALA B 43 -14.96 -2.18 -1.07
N THR B 44 -16.27 -2.39 -1.02
CA THR B 44 -17.04 -2.59 -2.23
C THR B 44 -17.90 -1.34 -2.38
N MET B 45 -17.55 -0.48 -3.33
CA MET B 45 -18.31 0.75 -3.55
C MET B 45 -19.65 0.44 -4.22
N LYS B 46 -20.74 0.96 -3.66
CA LYS B 46 -22.07 0.75 -4.23
C LYS B 46 -22.08 1.18 -5.70
N LYS B 47 -21.04 1.92 -6.07
CA LYS B 47 -20.83 2.39 -7.44
C LYS B 47 -20.35 1.22 -8.29
N ASN B 48 -21.31 0.48 -8.84
CA ASN B 48 -20.99 -0.67 -9.66
C ASN B 48 -20.31 -1.74 -8.82
N ASP B 49 -20.38 -1.60 -7.51
CA ASP B 49 -19.72 -2.58 -6.64
C ASP B 49 -18.26 -2.65 -7.03
N GLU B 50 -17.64 -1.48 -7.17
CA GLU B 50 -16.22 -1.43 -7.50
C GLU B 50 -15.44 -1.78 -6.22
N GLN B 51 -14.61 -2.82 -6.32
CA GLN B 51 -13.81 -3.23 -5.19
C GLN B 51 -12.50 -2.47 -5.16
N ARG B 52 -12.18 -1.94 -3.98
CA ARG B 52 -10.96 -1.20 -3.80
C ARG B 52 -10.22 -1.56 -2.53
N CYS B 53 -8.93 -1.81 -2.68
CA CYS B 53 -8.08 -2.15 -1.56
C CYS B 53 -7.58 -0.88 -0.91
N LEU B 54 -7.73 -0.81 0.40
CA LEU B 54 -7.31 0.37 1.12
C LEU B 54 -6.12 0.08 2.00
N ASN B 55 -5.49 1.15 2.49
CA ASN B 55 -4.32 1.05 3.34
C ASN B 55 -4.76 1.07 4.79
N PRO B 56 -4.53 -0.04 5.52
CA PRO B 56 -4.90 -0.14 6.93
C PRO B 56 -4.03 0.77 7.81
N GLU B 57 -2.84 1.09 7.33
CA GLU B 57 -1.90 1.93 8.06
C GLU B 57 -2.27 3.41 8.01
N SER B 58 -3.21 3.76 7.13
CA SER B 58 -3.66 5.15 6.93
C SER B 58 -4.59 5.68 8.02
N LYS B 59 -4.24 6.83 8.58
CA LYS B 59 -5.04 7.46 9.64
C LYS B 59 -6.54 7.48 9.33
N THR B 60 -6.92 8.11 8.22
CA THR B 60 -8.33 8.16 7.84
C THR B 60 -8.92 6.76 7.87
N ILE B 61 -8.28 5.85 7.14
CA ILE B 61 -8.73 4.46 7.07
C ILE B 61 -8.98 3.89 8.47
N LYS B 62 -8.06 4.15 9.39
CA LYS B 62 -8.19 3.68 10.78
C LYS B 62 -9.43 4.29 11.41
N ASN B 63 -9.61 5.59 11.19
CA ASN B 63 -10.77 6.27 11.73
C ASN B 63 -12.04 5.64 11.20
N LEU B 64 -12.17 5.56 9.88
CA LEU B 64 -13.36 4.96 9.27
C LEU B 64 -13.60 3.53 9.79
N MET B 65 -12.56 2.70 9.79
CA MET B 65 -12.67 1.31 10.27
C MET B 65 -13.34 1.24 11.65
N LYS B 66 -12.62 1.65 12.69
CA LYS B 66 -13.19 1.62 14.03
C LYS B 66 -14.36 2.63 14.05
N ALA B 67 -15.53 2.13 13.66
CA ALA B 67 -16.78 2.90 13.54
C ALA B 67 -16.67 4.07 12.56
N ALA C 4 -47.96 -2.80 1.61
CA ALA C 4 -46.98 -3.83 2.04
C ALA C 4 -45.73 -3.28 2.74
N ARG C 5 -44.67 -4.07 2.75
CA ARG C 5 -43.40 -3.70 3.40
C ARG C 5 -42.38 -4.85 3.21
N THR C 6 -41.17 -4.68 3.75
CA THR C 6 -40.14 -5.72 3.63
C THR C 6 -38.87 -5.24 4.37
N VAL C 7 -38.07 -6.17 4.87
CA VAL C 7 -36.82 -5.82 5.57
C VAL C 7 -35.78 -6.90 5.25
N ARG C 8 -34.59 -6.50 4.82
CA ARG C 8 -33.56 -7.48 4.48
C ARG C 8 -32.18 -7.39 5.17
N CYS C 9 -32.09 -7.93 6.38
CA CYS C 9 -30.80 -8.02 7.05
C CYS C 9 -30.20 -9.41 6.75
N ASN C 10 -28.88 -9.55 6.83
CA ASN C 10 -28.29 -10.85 6.54
C ASN C 10 -28.32 -11.75 7.79
N CYS C 11 -28.31 -11.14 8.95
CA CYS C 11 -28.23 -11.86 10.20
C CYS C 11 -29.54 -12.36 10.79
N ILE C 12 -29.53 -13.64 11.15
CA ILE C 12 -30.67 -14.35 11.76
C ILE C 12 -30.29 -14.63 13.22
N HIS C 13 -29.00 -14.74 13.49
CA HIS C 13 -28.50 -15.02 14.83
C HIS C 13 -27.34 -14.09 15.21
N ILE C 14 -27.33 -13.60 16.44
CA ILE C 14 -26.24 -12.72 16.88
C ILE C 14 -25.46 -13.31 18.04
N ASP C 15 -24.29 -13.85 17.69
CA ASP C 15 -23.36 -14.48 18.59
C ASP C 15 -22.82 -13.51 19.62
N ASP C 16 -23.36 -13.58 20.84
CA ASP C 16 -22.91 -12.70 21.93
C ASP C 16 -21.72 -13.35 22.68
N GLY C 17 -21.50 -14.64 22.45
CA GLY C 17 -20.39 -15.32 23.11
C GLY C 17 -19.07 -14.73 22.64
N PRO C 18 -18.06 -14.63 23.53
CA PRO C 18 -16.73 -14.08 23.21
C PRO C 18 -16.05 -14.81 22.04
N VAL C 19 -15.05 -14.17 21.44
CA VAL C 19 -14.30 -14.73 20.31
C VAL C 19 -12.90 -14.09 20.21
N ARG C 20 -11.90 -14.91 19.89
CA ARG C 20 -10.52 -14.46 19.78
C ARG C 20 -10.18 -14.04 18.34
N MET C 21 -9.44 -12.93 18.20
CA MET C 21 -9.02 -12.42 16.89
C MET C 21 -8.27 -13.53 16.21
N ARG C 22 -7.74 -14.40 17.05
CA ARG C 22 -7.00 -15.58 16.68
C ARG C 22 -7.76 -16.42 15.65
N ALA C 23 -9.03 -16.74 15.95
CA ALA C 23 -9.87 -17.60 15.11
C ALA C 23 -10.66 -16.90 14.02
N ILE C 24 -10.36 -15.64 13.75
CA ILE C 24 -11.14 -14.94 12.73
C ILE C 24 -10.44 -14.86 11.39
N GLY C 25 -11.15 -15.29 10.34
CA GLY C 25 -10.59 -15.23 9.00
C GLY C 25 -10.78 -13.84 8.45
N LYS C 26 -11.96 -13.27 8.72
CA LYS C 26 -12.29 -11.93 8.28
C LYS C 26 -13.65 -11.45 8.76
N LEU C 27 -13.82 -10.14 8.68
CA LEU C 27 -15.07 -9.54 9.06
C LEU C 27 -15.57 -8.79 7.84
N GLU C 28 -16.88 -8.90 7.60
CA GLU C 28 -17.51 -8.21 6.48
C GLU C 28 -18.51 -7.23 7.12
N ILE C 29 -18.01 -6.05 7.47
CA ILE C 29 -18.84 -5.05 8.13
C ILE C 29 -19.73 -4.29 7.15
N ILE C 30 -21.04 -4.51 7.28
CA ILE C 30 -22.02 -3.88 6.41
C ILE C 30 -22.71 -2.75 7.18
N PRO C 31 -22.63 -1.51 6.66
CA PRO C 31 -23.17 -0.24 7.16
C PRO C 31 -24.68 -0.21 7.23
N ALA C 32 -25.19 0.35 8.32
CA ALA C 32 -26.62 0.48 8.56
C ALA C 32 -27.30 1.04 7.31
N SER C 33 -28.22 0.28 6.74
CA SER C 33 -28.93 0.70 5.53
C SER C 33 -30.42 0.92 5.76
N LEU C 34 -31.10 1.41 4.73
CA LEU C 34 -32.54 1.63 4.84
C LEU C 34 -33.25 0.29 4.98
N SER C 35 -32.72 -0.73 4.30
CA SER C 35 -33.25 -2.11 4.30
C SER C 35 -32.84 -2.85 5.58
N CYS C 36 -31.76 -2.39 6.21
CA CYS C 36 -31.31 -2.97 7.47
C CYS C 36 -30.80 -1.89 8.42
N PRO C 37 -31.67 -1.43 9.31
CA PRO C 37 -31.48 -0.15 10.01
C PRO C 37 -30.34 -0.24 11.02
N ARG C 38 -29.53 -1.30 10.91
CA ARG C 38 -28.37 -1.45 11.78
C ARG C 38 -27.17 -1.98 11.00
N VAL C 39 -25.98 -1.88 11.59
CA VAL C 39 -24.78 -2.41 10.99
C VAL C 39 -24.70 -3.91 11.29
N GLU C 40 -24.19 -4.67 10.32
CA GLU C 40 -24.05 -6.10 10.48
C GLU C 40 -22.56 -6.46 10.31
N ILE C 41 -22.03 -7.18 11.28
CA ILE C 41 -20.64 -7.62 11.25
C ILE C 41 -20.59 -9.15 11.17
N ILE C 42 -20.32 -9.68 9.97
CA ILE C 42 -20.26 -11.13 9.77
C ILE C 42 -18.81 -11.62 9.80
N ALA C 43 -18.54 -12.54 10.72
CA ALA C 43 -17.20 -13.08 10.84
C ALA C 43 -17.08 -14.45 10.19
N THR C 44 -15.95 -14.71 9.56
CA THR C 44 -15.73 -16.01 8.95
C THR C 44 -14.62 -16.70 9.72
N MET C 45 -15.02 -17.45 10.73
CA MET C 45 -14.07 -18.16 11.56
C MET C 45 -13.04 -18.91 10.73
N LYS C 46 -11.81 -18.97 11.24
CA LYS C 46 -10.73 -19.70 10.58
C LYS C 46 -11.13 -21.17 10.53
N LYS C 47 -11.75 -21.61 11.62
CA LYS C 47 -12.22 -22.98 11.79
C LYS C 47 -13.48 -23.25 10.94
N ASN C 48 -13.35 -24.17 10.00
CA ASN C 48 -14.43 -24.56 9.09
C ASN C 48 -14.87 -23.41 8.17
N ASP C 49 -14.24 -22.24 8.30
CA ASP C 49 -14.66 -21.10 7.47
C ASP C 49 -16.16 -20.88 7.75
N GLU C 50 -16.49 -20.90 9.03
CA GLU C 50 -17.85 -20.72 9.47
C GLU C 50 -18.18 -19.24 9.60
N GLN C 51 -19.32 -18.86 9.05
CA GLN C 51 -19.79 -17.49 9.10
C GLN C 51 -20.80 -17.32 10.23
N ARG C 52 -20.67 -16.21 10.95
CA ARG C 52 -21.59 -15.90 12.05
C ARG C 52 -21.56 -14.40 12.33
N CYS C 53 -22.67 -13.88 12.84
CA CYS C 53 -22.78 -12.47 13.16
C CYS C 53 -22.40 -12.23 14.62
N LEU C 54 -21.75 -11.09 14.86
CA LEU C 54 -21.31 -10.73 16.20
C LEU C 54 -21.97 -9.37 16.51
N ASN C 55 -22.26 -9.10 17.79
CA ASN C 55 -22.91 -7.82 18.13
C ASN C 55 -21.96 -6.62 17.99
N PRO C 56 -22.30 -5.68 17.07
CA PRO C 56 -21.49 -4.48 16.81
C PRO C 56 -21.15 -3.76 18.11
N GLU C 57 -22.02 -3.93 19.11
CA GLU C 57 -21.84 -3.28 20.40
C GLU C 57 -21.33 -4.19 21.51
N SER C 58 -20.55 -5.19 21.14
CA SER C 58 -20.01 -6.09 22.15
C SER C 58 -18.49 -5.86 22.26
N LYS C 59 -17.99 -6.03 23.48
CA LYS C 59 -16.58 -5.81 23.80
C LYS C 59 -15.62 -6.72 23.06
N THR C 60 -15.95 -8.00 23.00
CA THR C 60 -15.09 -8.95 22.29
C THR C 60 -14.89 -8.47 20.84
N ILE C 61 -15.72 -7.50 20.44
CA ILE C 61 -15.69 -6.92 19.08
C ILE C 61 -14.99 -5.58 19.06
N LYS C 62 -15.36 -4.72 19.99
CA LYS C 62 -14.77 -3.39 20.07
C LYS C 62 -13.27 -3.45 20.32
N ASN C 63 -12.83 -4.37 21.18
CA ASN C 63 -11.40 -4.53 21.46
C ASN C 63 -10.80 -5.26 20.27
N LEU C 64 -11.62 -6.12 19.65
CA LEU C 64 -11.16 -6.87 18.48
C LEU C 64 -11.04 -5.87 17.35
N MET C 65 -11.81 -4.78 17.44
CA MET C 65 -11.74 -3.71 16.44
C MET C 65 -10.36 -3.05 16.60
N LYS C 66 -9.36 -3.74 16.05
CA LYS C 66 -7.93 -3.43 16.11
C LYS C 66 -7.43 -2.32 15.22
N ALA C 67 -6.78 -1.34 15.85
CA ALA C 67 -6.17 -0.15 15.24
C ALA C 67 -5.42 0.59 16.37
N PHE C 68 -4.09 0.44 16.42
CA PHE C 68 -3.32 1.07 17.51
C PHE C 68 -2.01 1.75 17.01
N ALA D 4 36.34 28.17 -3.63
CA ALA D 4 36.88 27.28 -4.73
C ALA D 4 35.78 26.39 -5.29
N ARG D 5 35.75 26.22 -6.62
CA ARG D 5 34.74 25.35 -7.23
C ARG D 5 35.05 23.92 -6.78
N THR D 6 34.15 23.34 -6.00
CA THR D 6 34.34 21.98 -5.48
C THR D 6 33.11 21.06 -5.72
N VAL D 7 33.31 19.69 -5.65
CA VAL D 7 32.23 18.70 -5.87
C VAL D 7 32.62 17.27 -5.52
N ARG D 8 31.83 16.70 -4.67
CA ARG D 8 32.07 15.31 -4.24
C ARG D 8 30.78 14.47 -4.42
N CYS D 9 30.48 14.14 -5.67
CA CYS D 9 29.30 13.36 -6.00
C CYS D 9 29.59 11.86 -6.23
N ASN D 10 28.53 11.08 -6.41
CA ASN D 10 28.62 9.63 -6.64
C ASN D 10 28.96 9.31 -8.09
N CYS D 11 28.45 10.12 -9.00
CA CYS D 11 28.66 9.92 -10.41
C CYS D 11 29.91 10.56 -10.94
N ILE D 12 30.71 9.77 -11.64
CA ILE D 12 31.92 10.30 -12.25
C ILE D 12 31.68 10.22 -13.75
N HIS D 13 30.68 9.45 -14.12
CA HIS D 13 30.33 9.26 -15.51
C HIS D 13 28.83 9.37 -15.74
N ILE D 14 28.43 10.10 -16.77
CA ILE D 14 27.01 10.28 -17.09
C ILE D 14 26.60 9.68 -18.42
N ASP D 15 25.78 8.64 -18.35
CA ASP D 15 25.33 7.97 -19.56
C ASP D 15 24.28 8.82 -20.28
N ASP D 16 24.21 8.64 -21.59
CA ASP D 16 23.26 9.37 -22.42
C ASP D 16 22.64 8.39 -23.42
N GLY D 17 23.39 7.33 -23.74
CA GLY D 17 22.88 6.32 -24.64
C GLY D 17 21.49 5.91 -24.14
N PRO D 18 20.42 6.29 -24.85
CA PRO D 18 19.04 5.94 -24.44
C PRO D 18 18.97 4.51 -23.89
N VAL D 19 18.13 4.29 -22.88
CA VAL D 19 18.00 2.96 -22.29
C VAL D 19 16.54 2.52 -22.16
N ARG D 20 16.29 1.24 -22.42
CA ARG D 20 14.93 0.74 -22.37
C ARG D 20 14.32 0.67 -20.98
N MET D 21 13.10 1.15 -20.90
CA MET D 21 12.31 1.18 -19.69
C MET D 21 12.43 -0.16 -18.98
N ARG D 22 12.35 -1.24 -19.76
CA ARG D 22 12.39 -2.60 -19.22
C ARG D 22 13.77 -3.22 -18.98
N ALA D 23 14.81 -2.46 -19.25
CA ALA D 23 16.15 -2.98 -19.05
C ALA D 23 16.68 -2.56 -17.68
N ILE D 24 15.95 -1.67 -17.01
CA ILE D 24 16.38 -1.23 -15.69
C ILE D 24 15.79 -2.06 -14.55
N GLY D 25 16.62 -2.38 -13.57
CA GLY D 25 16.16 -3.16 -12.44
C GLY D 25 15.75 -2.25 -11.29
N LYS D 26 16.55 -1.22 -11.05
CA LYS D 26 16.30 -0.26 -9.98
C LYS D 26 16.75 1.15 -10.35
N LEU D 27 16.19 2.15 -9.68
CA LEU D 27 16.55 3.53 -9.94
C LEU D 27 16.68 4.30 -8.63
N GLU D 28 17.76 5.06 -8.50
CA GLU D 28 17.97 5.84 -7.29
C GLU D 28 18.00 7.31 -7.61
N ILE D 29 17.35 8.10 -6.78
CA ILE D 29 17.35 9.53 -6.98
C ILE D 29 17.82 10.19 -5.72
N ILE D 30 19.06 10.66 -5.76
CA ILE D 30 19.69 11.32 -4.63
C ILE D 30 19.69 12.80 -4.99
N PRO D 31 18.78 13.58 -4.37
CA PRO D 31 18.63 15.03 -4.58
C PRO D 31 19.83 15.91 -4.21
N ALA D 32 19.89 17.05 -4.89
CA ALA D 32 20.95 18.04 -4.71
C ALA D 32 21.23 18.38 -3.25
N SER D 33 22.50 18.50 -2.90
CA SER D 33 22.85 18.84 -1.55
C SER D 33 24.05 19.76 -1.62
N LEU D 34 24.50 20.27 -0.48
CA LEU D 34 25.63 21.16 -0.52
C LEU D 34 26.82 20.37 -1.06
N SER D 35 26.95 19.11 -0.63
CA SER D 35 28.06 18.27 -1.07
C SER D 35 27.95 17.86 -2.55
N CYS D 36 26.73 17.90 -3.08
CA CYS D 36 26.54 17.58 -4.50
C CYS D 36 25.31 18.35 -4.94
N PRO D 37 25.50 19.63 -5.31
CA PRO D 37 24.50 20.59 -5.76
C PRO D 37 23.69 20.14 -6.96
N ARG D 38 23.98 18.93 -7.42
CA ARG D 38 23.30 18.37 -8.57
C ARG D 38 22.55 17.12 -8.17
N VAL D 39 21.39 16.95 -8.80
CA VAL D 39 20.55 15.79 -8.56
C VAL D 39 21.29 14.65 -9.25
N GLU D 40 21.14 13.44 -8.72
CA GLU D 40 21.77 12.27 -9.30
C GLU D 40 20.77 11.12 -9.40
N ILE D 41 20.78 10.45 -10.55
CA ILE D 41 19.90 9.31 -10.79
C ILE D 41 20.73 8.12 -11.21
N ILE D 42 20.89 7.16 -10.31
CA ILE D 42 21.68 5.99 -10.57
C ILE D 42 20.73 4.83 -10.87
N ALA D 43 20.97 4.17 -12.01
CA ALA D 43 20.17 3.01 -12.39
C ALA D 43 20.97 1.72 -12.25
N THR D 44 20.40 0.75 -11.55
CA THR D 44 20.84 -0.63 -11.67
C THR D 44 20.16 -1.33 -12.85
N MET D 45 20.87 -1.38 -13.98
CA MET D 45 20.43 -2.18 -15.12
C MET D 45 20.14 -3.61 -14.70
N LYS D 46 19.21 -4.26 -15.41
CA LYS D 46 18.87 -5.65 -15.13
C LYS D 46 20.06 -6.52 -15.55
N LYS D 47 20.56 -6.26 -16.75
CA LYS D 47 21.69 -7.00 -17.31
C LYS D 47 22.96 -6.75 -16.49
N ASN D 48 23.51 -7.83 -15.95
CA ASN D 48 24.73 -7.72 -15.16
C ASN D 48 24.55 -6.85 -13.92
N ASP D 49 23.36 -6.31 -13.73
CA ASP D 49 23.06 -5.46 -12.58
C ASP D 49 24.15 -4.39 -12.48
N GLU D 50 24.48 -3.80 -13.61
CA GLU D 50 25.49 -2.76 -13.62
C GLU D 50 24.84 -1.42 -13.29
N GLN D 51 25.49 -0.70 -12.39
CA GLN D 51 25.00 0.61 -12.00
C GLN D 51 25.57 1.67 -12.91
N ARG D 52 24.75 2.65 -13.25
CA ARG D 52 25.20 3.76 -14.06
C ARG D 52 24.32 4.96 -13.81
N CYS D 53 24.86 6.13 -14.15
CA CYS D 53 24.17 7.40 -13.97
C CYS D 53 23.54 7.87 -15.26
N LEU D 54 22.34 8.37 -15.14
CA LEU D 54 21.61 8.88 -16.30
C LEU D 54 21.44 10.37 -16.11
N ASN D 55 21.33 11.11 -17.21
CA ASN D 55 21.19 12.55 -17.12
C ASN D 55 19.80 12.95 -16.63
N PRO D 56 19.72 13.64 -15.48
CA PRO D 56 18.41 14.04 -14.97
C PRO D 56 17.70 14.85 -16.06
N GLU D 57 18.47 15.70 -16.73
CA GLU D 57 17.98 16.59 -17.79
C GLU D 57 17.56 15.92 -19.09
N SER D 58 17.97 14.66 -19.31
CA SER D 58 17.62 13.96 -20.54
C SER D 58 16.18 13.50 -20.69
N LYS D 59 15.68 13.58 -21.92
CA LYS D 59 14.31 13.18 -22.28
C LYS D 59 14.10 11.67 -22.06
N THR D 60 15.07 10.86 -22.49
CA THR D 60 14.95 9.41 -22.30
C THR D 60 14.71 9.20 -20.80
N ILE D 61 15.02 10.26 -20.03
CA ILE D 61 14.85 10.23 -18.58
C ILE D 61 13.53 10.89 -18.17
N LYS D 62 13.26 12.09 -18.68
CA LYS D 62 12.01 12.79 -18.36
C LYS D 62 10.80 11.93 -18.74
N ASN D 63 10.93 11.21 -19.85
CA ASN D 63 9.86 10.33 -20.31
C ASN D 63 9.87 9.12 -19.40
N LEU D 64 11.07 8.61 -19.16
CA LEU D 64 11.28 7.46 -18.30
C LEU D 64 10.74 7.75 -16.91
N MET D 65 10.77 9.01 -16.52
CA MET D 65 10.43 9.40 -15.15
C MET D 65 8.93 9.33 -14.91
N LYS D 66 8.17 9.08 -15.98
CA LYS D 66 6.77 8.70 -15.86
C LYS D 66 6.63 7.25 -15.39
N ALA D 67 7.39 6.90 -14.35
CA ALA D 67 7.51 5.50 -13.93
C ALA D 67 6.18 4.98 -13.39
#